data_1OJI
#
_entry.id   1OJI
#
_cell.length_a   122.312
_cell.length_b   122.312
_cell.length_c   82.616
_cell.angle_alpha   90.00
_cell.angle_beta   90.00
_cell.angle_gamma   120.00
#
_symmetry.space_group_name_H-M   'P 65'
#
loop_
_entity.id
_entity.type
_entity.pdbx_description
1 polymer 'ENDOGLUCANASE I'
2 non-polymer 2-acetamido-2-deoxy-beta-D-glucopyranose
3 non-polymer GLYCEROL
4 water water
#
_entity_poly.entity_id   1
_entity_poly.type   'polypeptide(L)'
_entity_poly.pdbx_seq_one_letter_code
;(PCA)KPGETKEVHPQLTTFRCTKRGGCKPATNFIVLDSLSHPIHRAEGLGPGGCGDWGNPPPKDVCPDVESCAKNCIME
GIPDYSQYGVTTNGTSLRLQHILPDGRVPSPRVYLLDKTKRRYEMLHLTGFEFTFDVDATKLPCGMNSALYLSEMHPTGA
KSKYNPGGAYYGTGYCDAQCFVTPFINGLGNIEGKGSCCNSMDIWEANSRASHVAPHTCNKKGLYLCEGEECAFEGVCDK
NGCGWNNYRVNVTDYYGRGEEFKVNTLKPFTVVTQFLANRRGKLEKIHRFYVQDGKVIESFYTNKEGVPYTNMIDDEFCE
ATGSRKYMELGATQGMGEALTRGMVLAMSIWWDQGGNMEWLDHGEAGPCAKGEGAPSNIVQVEPFPEVTYTNLRWGEIGS
TYQELQ
;
_entity_poly.pdbx_strand_id   A
#
loop_
_chem_comp.id
_chem_comp.type
_chem_comp.name
_chem_comp.formula
GOL non-polymer GLYCEROL 'C3 H8 O3'
NAG D-saccharide, beta linking 2-acetamido-2-deoxy-beta-D-glucopyranose 'C8 H15 N O6'
#
# COMPACT_ATOMS: atom_id res chain seq x y z
N PCA A 1 1.82 6.08 -20.98
CA PCA A 1 1.55 7.27 -21.71
CB PCA A 1 0.70 8.20 -20.82
CG PCA A 1 0.44 7.53 -19.50
CD PCA A 1 1.14 6.22 -19.70
OE PCA A 1 1.13 5.32 -18.86
C PCA A 1 2.93 7.80 -22.00
O PCA A 1 3.90 7.38 -21.40
N LYS A 2 3.01 8.73 -22.92
CA LYS A 2 4.27 9.24 -23.42
C LYS A 2 4.80 10.26 -22.44
N PRO A 3 6.03 10.13 -21.97
CA PRO A 3 6.59 11.16 -21.13
C PRO A 3 6.66 12.54 -21.88
N GLY A 4 6.29 13.59 -21.16
CA GLY A 4 6.23 14.91 -21.71
C GLY A 4 7.56 15.60 -21.47
N GLU A 5 7.57 16.93 -21.63
CA GLU A 5 8.81 17.72 -21.55
C GLU A 5 9.16 18.13 -20.12
N THR A 6 8.19 18.24 -19.22
CA THR A 6 8.47 18.56 -17.83
C THR A 6 9.28 17.51 -17.11
N LYS A 7 10.31 17.95 -16.41
CA LYS A 7 11.15 16.97 -15.69
C LYS A 7 10.51 16.40 -14.41
N GLU A 8 10.89 15.16 -14.07
CA GLU A 8 10.50 14.49 -12.84
C GLU A 8 11.59 14.72 -11.80
N VAL A 9 11.23 15.21 -10.63
CA VAL A 9 12.22 15.40 -9.59
C VAL A 9 11.75 14.59 -8.38
N HIS A 10 12.35 13.40 -8.22
CA HIS A 10 11.90 12.49 -7.17
C HIS A 10 12.48 12.91 -5.83
N PRO A 11 11.67 12.93 -4.76
CA PRO A 11 12.25 12.96 -3.42
C PRO A 11 13.21 11.77 -3.05
N GLN A 12 14.30 12.09 -2.34
CA GLN A 12 15.25 11.12 -1.87
C GLN A 12 14.86 10.80 -0.46
N LEU A 13 15.07 9.54 -0.09
CA LEU A 13 14.71 9.05 1.21
C LEU A 13 15.78 8.08 1.67
N THR A 14 16.30 8.30 2.88
CA THR A 14 17.23 7.37 3.50
C THR A 14 16.48 6.28 4.27
N THR A 15 16.70 5.05 3.86
CA THR A 15 16.14 3.87 4.50
C THR A 15 17.33 3.06 5.01
N PHE A 16 17.07 1.87 5.55
CA PHE A 16 18.12 1.07 6.16
C PHE A 16 18.01 -0.41 5.83
N ARG A 17 19.17 -1.07 5.83
CA ARG A 17 19.28 -2.53 5.73
C ARG A 17 19.95 -3.10 7.00
N CYS A 18 19.32 -4.10 7.60
CA CYS A 18 19.74 -4.58 8.91
C CYS A 18 20.17 -6.08 9.02
N THR A 19 21.16 -6.28 9.88
CA THR A 19 21.63 -7.60 10.26
C THR A 19 21.93 -7.56 11.76
N LYS A 20 21.96 -8.74 12.39
CA LYS A 20 22.34 -8.88 13.81
C LYS A 20 23.79 -8.37 13.97
N ARG A 21 24.60 -8.82 13.02
CA ARG A 21 26.04 -8.62 12.97
C ARG A 21 26.39 -7.13 12.82
N GLY A 22 25.93 -6.48 11.76
CA GLY A 22 26.33 -5.11 11.49
C GLY A 22 25.31 -4.04 11.85
N GLY A 23 24.16 -4.48 12.37
CA GLY A 23 23.05 -3.54 12.66
C GLY A 23 22.44 -2.89 11.41
N CYS A 24 21.84 -1.73 11.60
CA CYS A 24 21.21 -0.95 10.53
C CYS A 24 22.17 -0.06 9.78
N LYS A 25 22.29 -0.23 8.47
CA LYS A 25 23.21 0.57 7.69
C LYS A 25 22.40 1.32 6.59
N PRO A 26 22.69 2.61 6.44
CA PRO A 26 21.87 3.49 5.64
C PRO A 26 21.96 3.23 4.15
N ALA A 27 20.86 3.48 3.46
CA ALA A 27 20.76 3.26 2.04
C ALA A 27 20.00 4.42 1.36
N THR A 28 20.32 4.71 0.12
CA THR A 28 19.60 5.73 -0.62
C THR A 28 18.51 5.14 -1.48
N ASN A 29 17.34 5.74 -1.33
CA ASN A 29 16.21 5.40 -2.13
C ASN A 29 15.52 6.70 -2.58
N PHE A 30 14.61 6.58 -3.54
CA PHE A 30 13.88 7.74 -4.09
C PHE A 30 12.43 7.37 -4.03
N ILE A 31 11.61 8.39 -4.18
CA ILE A 31 10.18 8.27 -4.06
C ILE A 31 9.54 8.73 -5.36
N VAL A 32 8.54 7.97 -5.82
CA VAL A 32 7.78 8.28 -7.03
C VAL A 32 6.27 8.14 -6.90
N LEU A 33 5.54 9.12 -7.44
CA LEU A 33 4.10 9.11 -7.43
C LEU A 33 3.54 8.20 -8.47
N ASP A 34 2.32 7.73 -8.25
CA ASP A 34 1.71 6.85 -9.22
C ASP A 34 1.68 7.52 -10.61
N SER A 35 1.94 6.74 -11.65
CA SER A 35 1.92 7.27 -13.02
C SER A 35 0.68 8.12 -13.32
N LEU A 36 -0.51 7.61 -12.97
CA LEU A 36 -1.77 8.23 -13.28
C LEU A 36 -2.13 9.40 -12.37
N SER A 37 -1.32 9.63 -11.35
CA SER A 37 -1.35 10.83 -10.53
C SER A 37 -0.53 11.96 -11.13
N HIS A 38 0.37 11.64 -12.07
CA HIS A 38 1.06 12.67 -12.84
C HIS A 38 0.06 13.40 -13.74
N PRO A 39 0.35 14.61 -14.17
CA PRO A 39 -0.51 15.25 -15.17
C PRO A 39 -0.57 14.49 -16.48
N ILE A 40 -1.76 14.14 -16.91
CA ILE A 40 -1.93 13.45 -18.16
C ILE A 40 -2.79 14.29 -19.07
N HIS A 41 -2.42 14.42 -20.33
CA HIS A 41 -3.10 15.29 -21.23
C HIS A 41 -2.83 14.75 -22.59
N ARG A 42 -3.52 15.30 -23.58
CA ARG A 42 -3.44 14.87 -24.97
C ARG A 42 -2.32 15.58 -25.75
N ALA A 43 -1.81 14.93 -26.80
CA ALA A 43 -0.75 15.49 -27.58
C ALA A 43 -1.27 16.72 -28.36
N GLU A 44 -0.35 17.56 -28.81
CA GLU A 44 -0.68 18.84 -29.46
C GLU A 44 -1.64 18.62 -30.61
N GLY A 45 -2.75 19.34 -30.62
CA GLY A 45 -3.70 19.32 -31.72
C GLY A 45 -4.90 18.44 -31.43
N LEU A 46 -4.84 17.69 -30.34
CA LEU A 46 -5.92 16.77 -30.01
C LEU A 46 -6.86 17.36 -28.98
N GLY A 47 -6.58 18.60 -28.55
CA GLY A 47 -7.49 19.38 -27.72
C GLY A 47 -7.44 19.11 -26.21
N PRO A 48 -8.48 19.51 -25.50
CA PRO A 48 -8.55 19.32 -24.07
C PRO A 48 -9.03 17.92 -23.76
N GLY A 49 -8.76 17.48 -22.53
CA GLY A 49 -9.14 16.14 -22.13
C GLY A 49 -7.94 15.44 -21.56
N GLY A 50 -8.24 14.48 -20.69
CA GLY A 50 -7.24 13.55 -20.25
C GLY A 50 -7.43 12.31 -21.09
N CYS A 51 -6.92 11.21 -20.58
CA CYS A 51 -6.94 9.93 -21.25
C CYS A 51 -7.63 8.86 -20.41
N GLY A 52 -8.68 9.28 -19.71
CA GLY A 52 -9.61 8.41 -19.04
C GLY A 52 -9.51 8.50 -17.52
N ASP A 53 -10.63 8.17 -16.87
CA ASP A 53 -10.75 8.27 -15.41
C ASP A 53 -10.59 6.87 -14.81
N TRP A 54 -10.10 6.83 -13.59
CA TRP A 54 -10.06 5.61 -12.82
C TRP A 54 -11.34 4.81 -13.04
N GLY A 55 -11.19 3.51 -13.23
CA GLY A 55 -12.33 2.61 -13.36
C GLY A 55 -12.75 2.40 -14.78
N ASN A 56 -12.07 3.03 -15.73
CA ASN A 56 -12.43 2.94 -17.14
C ASN A 56 -11.27 2.64 -18.07
N PRO A 57 -11.58 2.10 -19.25
CA PRO A 57 -10.61 2.05 -20.31
C PRO A 57 -10.31 3.50 -20.71
N PRO A 58 -9.25 3.73 -21.45
CA PRO A 58 -9.01 5.06 -22.02
C PRO A 58 -10.01 5.36 -23.17
N PRO A 59 -10.25 6.64 -23.50
CA PRO A 59 -11.17 7.05 -24.55
C PRO A 59 -10.87 6.48 -25.91
N LYS A 60 -11.93 6.06 -26.61
CA LYS A 60 -11.73 5.44 -27.91
C LYS A 60 -11.26 6.38 -29.00
N ASP A 61 -11.57 7.67 -28.90
CA ASP A 61 -11.10 8.62 -29.92
C ASP A 61 -9.57 8.83 -29.92
N VAL A 62 -8.95 8.92 -28.76
CA VAL A 62 -7.48 9.04 -28.73
C VAL A 62 -6.76 7.72 -28.53
N CYS A 63 -7.45 6.73 -27.99
CA CYS A 63 -6.86 5.42 -27.70
C CYS A 63 -7.67 4.29 -28.29
N PRO A 64 -7.75 4.23 -29.61
CA PRO A 64 -8.42 3.13 -30.27
C PRO A 64 -7.54 1.87 -30.14
N ASP A 65 -6.24 2.07 -29.95
CA ASP A 65 -5.33 0.97 -29.75
C ASP A 65 -4.09 1.40 -28.97
N VAL A 66 -3.26 0.43 -28.59
CA VAL A 66 -2.16 0.72 -27.70
C VAL A 66 -1.17 1.71 -28.30
N GLU A 67 -0.78 1.49 -29.55
CA GLU A 67 0.13 2.35 -30.33
C GLU A 67 -0.35 3.84 -30.43
N SER A 68 -1.64 4.01 -30.66
CA SER A 68 -2.22 5.34 -30.76
C SER A 68 -2.24 5.99 -29.40
N CYS A 69 -2.64 5.22 -28.40
CA CYS A 69 -2.67 5.71 -27.05
C CYS A 69 -1.25 6.20 -26.57
N ALA A 70 -0.21 5.49 -27.01
CA ALA A 70 1.17 5.73 -26.62
C ALA A 70 1.75 7.03 -27.14
N LYS A 71 1.15 7.50 -28.22
CA LYS A 71 1.52 8.68 -28.95
C LYS A 71 0.59 9.85 -28.54
N ASN A 72 -0.72 9.56 -28.37
CA ASN A 72 -1.74 10.59 -28.17
C ASN A 72 -1.90 11.09 -26.73
N CYS A 73 -1.44 10.33 -25.75
CA CYS A 73 -1.59 10.69 -24.35
C CYS A 73 -0.26 10.92 -23.71
N ILE A 74 -0.10 12.02 -23.02
CA ILE A 74 1.25 12.48 -22.63
C ILE A 74 1.25 12.52 -21.15
N MET A 75 2.28 12.01 -20.52
CA MET A 75 2.32 12.03 -19.08
C MET A 75 3.43 13.00 -18.70
N GLU A 76 3.11 14.02 -17.89
CA GLU A 76 4.11 15.01 -17.51
C GLU A 76 4.87 14.71 -16.24
N GLY A 77 6.18 14.97 -16.23
CA GLY A 77 6.97 14.90 -14.99
C GLY A 77 6.45 15.88 -13.99
N ILE A 78 6.76 15.61 -12.72
CA ILE A 78 6.38 16.41 -11.57
C ILE A 78 7.69 16.94 -11.03
N PRO A 79 7.94 18.24 -11.22
CA PRO A 79 9.20 18.82 -10.78
C PRO A 79 9.18 19.21 -9.30
N ASP A 80 7.99 19.25 -8.69
CA ASP A 80 7.79 19.66 -7.28
C ASP A 80 6.74 18.77 -6.60
N TYR A 81 7.20 17.73 -5.92
CA TYR A 81 6.29 16.76 -5.31
C TYR A 81 5.48 17.32 -4.19
N SER A 82 5.96 18.39 -3.56
CA SER A 82 5.27 18.93 -2.42
C SER A 82 3.88 19.38 -2.87
N GLN A 83 3.66 19.57 -4.17
CA GLN A 83 2.34 20.00 -4.67
C GLN A 83 1.36 18.85 -4.60
N TYR A 84 1.90 17.64 -4.38
CA TYR A 84 1.05 16.48 -4.27
C TYR A 84 1.00 15.94 -2.82
N GLY A 85 1.42 16.78 -1.88
CA GLY A 85 1.47 16.43 -0.50
C GLY A 85 2.56 15.45 -0.11
N VAL A 86 3.61 15.37 -0.90
CA VAL A 86 4.70 14.45 -0.70
C VAL A 86 6.00 15.21 -0.48
N THR A 87 6.65 14.95 0.68
CA THR A 87 7.97 15.52 1.01
C THR A 87 8.74 14.57 1.83
N THR A 88 10.06 14.64 1.71
CA THR A 88 10.96 13.88 2.55
C THR A 88 11.94 14.80 3.28
N ASN A 89 12.36 14.37 4.46
CA ASN A 89 13.40 15.00 5.23
C ASN A 89 14.27 13.90 5.85
N GLY A 90 15.42 13.65 5.24
CA GLY A 90 16.36 12.62 5.72
C GLY A 90 15.70 11.23 5.58
N THR A 91 15.31 10.64 6.72
CA THR A 91 14.73 9.30 6.74
C THR A 91 13.24 9.38 6.87
N SER A 92 12.68 10.58 6.76
CA SER A 92 11.26 10.82 6.96
C SER A 92 10.53 11.11 5.65
N LEU A 93 9.36 10.53 5.50
CA LEU A 93 8.49 10.74 4.37
C LEU A 93 7.17 11.16 4.96
N ARG A 94 6.69 12.32 4.53
CA ARG A 94 5.40 12.88 4.95
C ARG A 94 4.43 12.85 3.83
N LEU A 95 3.22 12.30 4.08
CA LEU A 95 2.19 12.25 3.08
C LEU A 95 1.01 13.07 3.61
N GLN A 96 0.65 14.16 2.91
CA GLN A 96 -0.48 15.01 3.31
C GLN A 96 -1.66 14.67 2.45
N HIS A 97 -2.78 14.33 3.07
CA HIS A 97 -3.95 13.96 2.32
C HIS A 97 -4.58 15.24 1.71
N ILE A 98 -4.64 16.30 2.51
CA ILE A 98 -5.26 17.57 2.09
C ILE A 98 -4.21 18.67 2.29
N LEU A 99 -4.11 19.57 1.32
CA LEU A 99 -3.24 20.75 1.47
C LEU A 99 -4.05 21.96 2.02
N PRO A 100 -3.34 22.90 2.67
CA PRO A 100 -3.94 24.14 3.21
C PRO A 100 -4.84 24.85 2.24
N ASP A 101 -4.43 24.83 0.97
CA ASP A 101 -5.23 25.46 -0.10
C ASP A 101 -6.47 24.67 -0.54
N GLY A 102 -6.69 23.48 0.03
CA GLY A 102 -7.91 22.71 -0.21
C GLY A 102 -7.75 21.52 -1.14
N ARG A 103 -6.65 21.45 -1.85
CA ARG A 103 -6.43 20.33 -2.75
C ARG A 103 -6.32 19.01 -2.00
N VAL A 104 -6.91 17.95 -2.54
CA VAL A 104 -6.89 16.63 -1.91
C VAL A 104 -6.08 15.69 -2.79
N PRO A 105 -4.75 15.77 -2.73
CA PRO A 105 -3.92 14.95 -3.57
C PRO A 105 -3.93 13.47 -3.20
N SER A 106 -4.17 13.13 -1.92
CA SER A 106 -4.31 11.74 -1.49
C SER A 106 -3.22 10.87 -2.12
N PRO A 107 -1.96 11.21 -1.89
CA PRO A 107 -0.83 10.62 -2.64
C PRO A 107 -0.58 9.15 -2.37
N ARG A 108 -0.26 8.42 -3.43
CA ARG A 108 0.32 7.12 -3.37
C ARG A 108 1.67 7.13 -4.08
N VAL A 109 2.66 6.62 -3.40
CA VAL A 109 4.02 6.57 -3.88
C VAL A 109 4.63 5.19 -3.74
N TYR A 110 5.67 4.93 -4.54
CA TYR A 110 6.44 3.70 -4.46
C TYR A 110 7.86 4.01 -4.12
N LEU A 111 8.57 2.99 -3.63
CA LEU A 111 9.99 3.13 -3.35
C LEU A 111 10.83 2.73 -4.54
N LEU A 112 11.64 3.67 -5.05
CA LEU A 112 12.57 3.40 -6.15
C LEU A 112 13.92 3.06 -5.64
N ASP A 113 14.61 2.20 -6.35
CA ASP A 113 15.96 1.91 -5.94
C ASP A 113 16.86 3.15 -6.20
N LYS A 114 18.14 3.07 -5.87
CA LYS A 114 19.01 4.21 -5.96
C LYS A 114 19.26 4.67 -7.42
N THR A 115 18.86 3.89 -8.43
CA THR A 115 19.15 4.22 -9.82
C THR A 115 18.03 5.04 -10.44
N LYS A 116 16.89 5.06 -9.73
CA LYS A 116 15.65 5.69 -10.07
C LYS A 116 14.93 5.02 -11.21
N ARG A 117 15.51 3.99 -11.79
CA ARG A 117 14.82 3.30 -12.92
C ARG A 117 14.17 1.95 -12.62
N ARG A 118 14.34 1.46 -11.39
CA ARG A 118 13.67 0.22 -10.96
C ARG A 118 13.11 0.44 -9.57
N TYR A 119 12.00 -0.19 -9.25
CA TYR A 119 11.56 -0.19 -7.90
C TYR A 119 12.56 -1.00 -7.04
N GLU A 120 12.68 -0.64 -5.79
CA GLU A 120 13.41 -1.38 -4.82
C GLU A 120 12.57 -2.62 -4.56
N MET A 121 13.16 -3.77 -4.84
CA MET A 121 12.46 -5.06 -4.72
C MET A 121 12.83 -5.68 -3.37
N LEU A 122 11.81 -5.82 -2.54
CA LEU A 122 12.00 -6.35 -1.20
C LEU A 122 11.61 -7.81 -1.27
N HIS A 123 12.41 -8.68 -0.66
CA HIS A 123 12.15 -10.13 -0.52
C HIS A 123 12.15 -10.45 0.99
N LEU A 124 10.95 -10.51 1.57
CA LEU A 124 10.76 -10.43 3.02
C LEU A 124 10.46 -11.74 3.74
N THR A 125 10.19 -12.80 2.98
CA THR A 125 10.03 -14.13 3.57
C THR A 125 11.27 -14.52 4.34
N GLY A 126 11.11 -14.70 5.65
CA GLY A 126 12.19 -15.04 6.55
C GLY A 126 12.88 -13.81 7.10
N PHE A 127 12.28 -12.64 6.93
CA PHE A 127 12.92 -11.37 7.28
C PHE A 127 11.89 -10.46 7.98
N GLU A 128 12.29 -9.29 8.43
CA GLU A 128 11.35 -8.37 9.10
C GLU A 128 11.46 -7.00 8.48
N PHE A 129 10.30 -6.31 8.41
CA PHE A 129 10.17 -4.90 7.93
C PHE A 129 9.74 -4.07 9.10
N THR A 130 10.42 -2.94 9.33
CA THR A 130 10.10 -2.06 10.47
C THR A 130 10.11 -0.59 10.00
N PHE A 131 9.28 0.23 10.65
CA PHE A 131 9.23 1.66 10.43
C PHE A 131 8.63 2.37 11.66
N ASP A 132 9.03 3.63 11.83
CA ASP A 132 8.45 4.54 12.82
C ASP A 132 7.28 5.29 12.16
N VAL A 133 6.26 5.62 12.92
CA VAL A 133 5.12 6.34 12.37
C VAL A 133 4.58 7.34 13.34
N ASP A 134 3.99 8.40 12.78
CA ASP A 134 3.19 9.33 13.55
C ASP A 134 1.76 9.31 12.95
N ALA A 135 0.83 8.72 13.71
CA ALA A 135 -0.54 8.55 13.26
C ALA A 135 -1.51 9.53 13.91
N THR A 136 -1.00 10.51 14.62
CA THR A 136 -1.88 11.42 15.41
C THR A 136 -2.94 12.13 14.54
N LYS A 137 -2.64 12.41 13.27
CA LYS A 137 -3.53 13.24 12.45
C LYS A 137 -4.36 12.39 11.52
N LEU A 138 -4.64 11.15 11.92
CA LEU A 138 -5.44 10.20 11.17
C LEU A 138 -6.60 9.80 12.06
N PRO A 139 -7.73 10.46 11.85
CA PRO A 139 -8.90 10.09 12.56
C PRO A 139 -9.63 8.93 11.90
N CYS A 140 -10.73 8.60 12.51
CA CYS A 140 -11.70 7.74 11.89
C CYS A 140 -11.92 7.97 10.39
N GLY A 141 -11.84 6.89 9.62
CA GLY A 141 -12.17 6.89 8.20
C GLY A 141 -11.00 7.09 7.28
N MET A 142 -9.89 7.54 7.86
CA MET A 142 -8.65 7.71 7.14
C MET A 142 -7.86 6.41 7.14
N ASN A 143 -7.05 6.23 6.10
CA ASN A 143 -6.21 5.03 5.89
C ASN A 143 -4.81 5.48 5.46
N SER A 144 -3.86 5.46 6.38
CA SER A 144 -2.45 5.46 6.00
C SER A 144 -2.09 4.00 5.72
N ALA A 145 -1.59 3.75 4.51
CA ALA A 145 -1.15 2.42 4.06
C ALA A 145 0.31 2.38 3.75
N LEU A 146 0.89 1.24 4.08
CA LEU A 146 2.25 0.89 3.70
C LEU A 146 2.15 -0.60 3.46
N TYR A 147 2.51 -1.01 2.24
CA TYR A 147 2.15 -2.31 1.74
C TYR A 147 2.97 -2.63 0.54
N LEU A 148 2.84 -3.87 0.06
CA LEU A 148 3.68 -4.44 -0.98
C LEU A 148 2.82 -4.98 -2.06
N SER A 149 3.16 -4.73 -3.31
CA SER A 149 2.46 -5.34 -4.46
C SER A 149 3.53 -5.91 -5.36
N GLU A 150 3.16 -6.98 -6.07
CA GLU A 150 4.05 -7.68 -6.99
C GLU A 150 3.99 -7.03 -8.35
N MET A 151 4.34 -5.74 -8.37
CA MET A 151 4.57 -4.95 -9.55
C MET A 151 5.89 -5.34 -10.18
N HIS A 152 5.97 -5.07 -11.48
CA HIS A 152 7.14 -5.39 -12.25
C HIS A 152 8.23 -4.40 -11.87
N PRO A 153 9.46 -4.84 -11.70
CA PRO A 153 10.53 -3.99 -11.23
C PRO A 153 10.93 -2.76 -12.05
N THR A 154 10.70 -2.75 -13.36
CA THR A 154 10.99 -1.60 -14.18
C THR A 154 9.71 -0.84 -14.47
N GLY A 155 8.65 -1.13 -13.74
CA GLY A 155 7.28 -0.70 -14.07
C GLY A 155 6.81 -1.17 -15.43
N ALA A 156 7.33 -2.32 -15.87
CA ALA A 156 7.13 -2.87 -17.22
C ALA A 156 7.47 -1.85 -18.31
N LYS A 157 8.66 -1.28 -18.20
CA LYS A 157 9.20 -0.39 -19.19
C LYS A 157 9.22 -1.10 -20.53
N SER A 158 8.79 -0.44 -21.59
CA SER A 158 8.74 -1.06 -22.87
C SER A 158 8.58 0.05 -23.93
N LYS A 159 8.46 -0.37 -25.20
CA LYS A 159 8.50 0.53 -26.35
C LYS A 159 7.45 1.59 -26.22
N TYR A 160 6.23 1.15 -25.94
CA TYR A 160 5.10 2.05 -25.76
C TYR A 160 4.99 2.59 -24.31
N ASN A 161 5.71 2.00 -23.36
CA ASN A 161 5.84 2.56 -22.00
C ASN A 161 7.31 2.87 -21.68
N PRO A 162 7.88 3.88 -22.30
CA PRO A 162 9.31 4.24 -22.03
C PRO A 162 9.57 4.85 -20.65
N GLY A 163 8.53 5.42 -20.03
CA GLY A 163 8.65 6.02 -18.69
C GLY A 163 9.01 5.02 -17.59
N GLY A 164 8.25 3.93 -17.50
CA GLY A 164 8.66 2.88 -16.61
C GLY A 164 8.53 3.26 -15.16
N ALA A 165 9.27 2.59 -14.27
CA ALA A 165 9.25 2.94 -12.84
C ALA A 165 9.62 4.38 -12.52
N TYR A 166 10.45 5.01 -13.35
CA TYR A 166 10.86 6.40 -13.13
C TYR A 166 9.66 7.32 -13.09
N TYR A 167 8.59 6.87 -13.76
CA TYR A 167 7.36 7.63 -13.77
C TYR A 167 6.24 6.92 -13.00
N GLY A 168 6.58 5.91 -12.19
CA GLY A 168 5.55 5.24 -11.34
C GLY A 168 4.55 4.34 -12.04
N THR A 169 4.94 3.79 -13.21
CA THR A 169 4.02 2.84 -13.92
C THR A 169 3.97 1.45 -13.34
N GLY A 170 2.91 0.71 -13.68
CA GLY A 170 2.87 -0.72 -13.30
C GLY A 170 2.08 -1.10 -12.04
N TYR A 171 1.30 -0.16 -11.50
CA TYR A 171 0.60 -0.43 -10.28
C TYR A 171 -0.39 -1.58 -10.44
N CYS A 172 -0.37 -2.46 -9.41
CA CYS A 172 -1.43 -3.47 -9.25
C CYS A 172 -1.69 -3.80 -7.78
N ASP A 173 -2.87 -4.37 -7.49
CA ASP A 173 -3.13 -4.90 -6.16
C ASP A 173 -4.19 -6.00 -6.21
N ALA A 174 -4.55 -6.55 -5.03
CA ALA A 174 -5.57 -7.64 -4.94
C ALA A 174 -7.00 -7.26 -5.26
N GLN A 175 -7.26 -5.97 -5.52
CA GLN A 175 -8.60 -5.51 -5.81
C GLN A 175 -8.96 -5.58 -7.30
N CYS A 176 -7.99 -5.85 -8.17
CA CYS A 176 -8.24 -5.97 -9.60
C CYS A 176 -8.99 -4.77 -10.23
N PHE A 177 -8.64 -3.55 -9.81
CA PHE A 177 -9.30 -2.37 -10.33
C PHE A 177 -8.93 -2.15 -11.81
N VAL A 178 -9.85 -1.55 -12.53
CA VAL A 178 -9.64 -1.14 -13.92
C VAL A 178 -9.09 0.29 -13.91
N THR A 179 -7.92 0.45 -14.54
CA THR A 179 -7.32 1.75 -14.74
C THR A 179 -7.15 1.97 -16.25
N PRO A 180 -7.23 3.22 -16.70
CA PRO A 180 -7.05 3.50 -18.10
C PRO A 180 -5.66 3.09 -18.67
N PHE A 181 -4.65 2.95 -17.83
CA PHE A 181 -3.35 2.47 -18.27
C PHE A 181 -2.92 1.36 -17.35
N ILE A 182 -2.31 0.34 -17.92
CA ILE A 182 -1.80 -0.74 -17.12
C ILE A 182 -0.49 -1.05 -17.72
N ASN A 183 0.50 -1.14 -16.84
CA ASN A 183 1.90 -1.28 -17.21
C ASN A 183 2.29 -0.22 -18.21
N GLY A 184 1.73 0.98 -18.05
CA GLY A 184 2.12 2.09 -18.90
C GLY A 184 1.52 2.04 -20.29
N LEU A 185 0.56 1.12 -20.49
CA LEU A 185 -0.06 0.89 -21.79
C LEU A 185 -1.57 1.14 -21.67
N GLY A 186 -2.15 1.68 -22.74
CA GLY A 186 -3.56 1.98 -22.78
C GLY A 186 -4.27 0.68 -22.53
N ASN A 187 -5.28 0.71 -21.65
CA ASN A 187 -6.05 -0.46 -21.27
C ASN A 187 -7.28 -0.54 -22.13
N ILE A 188 -7.08 -0.84 -23.40
CA ILE A 188 -8.12 -0.73 -24.42
C ILE A 188 -9.33 -1.63 -24.10
N GLU A 189 -9.00 -2.81 -23.56
CA GLU A 189 -10.00 -3.82 -23.28
C GLU A 189 -10.60 -3.67 -21.90
N GLY A 190 -10.08 -2.78 -21.07
CA GLY A 190 -10.72 -2.50 -19.80
C GLY A 190 -10.58 -3.61 -18.77
N LYS A 191 -9.44 -4.26 -18.82
CA LYS A 191 -9.06 -5.27 -17.85
C LYS A 191 -8.81 -4.66 -16.48
N GLY A 192 -8.73 -5.54 -15.50
CA GLY A 192 -8.40 -5.17 -14.14
C GLY A 192 -6.95 -5.48 -13.88
N SER A 193 -6.34 -4.72 -12.96
CA SER A 193 -4.92 -4.85 -12.64
C SER A 193 -4.74 -5.56 -11.33
N CYS A 194 -4.38 -6.85 -11.41
CA CYS A 194 -4.39 -7.81 -10.31
C CYS A 194 -3.00 -8.28 -9.90
N CYS A 195 -2.71 -8.32 -8.61
CA CYS A 195 -1.56 -9.01 -8.10
C CYS A 195 -1.67 -9.21 -6.62
N ASN A 196 -0.83 -10.13 -6.16
CA ASN A 196 -0.65 -10.45 -4.77
C ASN A 196 -0.24 -9.16 -4.11
N SER A 197 -0.85 -8.87 -2.96
CA SER A 197 -0.41 -7.77 -2.10
C SER A 197 -0.45 -8.11 -0.63
N MET A 198 0.54 -7.60 0.09
CA MET A 198 0.65 -7.82 1.49
C MET A 198 0.45 -6.46 2.07
N ASP A 199 -0.70 -6.28 2.70
CA ASP A 199 -1.00 -5.05 3.42
C ASP A 199 -0.36 -5.06 4.80
N ILE A 200 0.87 -4.58 4.86
CA ILE A 200 1.60 -4.60 6.09
C ILE A 200 0.90 -3.72 7.12
N TRP A 201 0.42 -2.54 6.65
CA TRP A 201 -0.09 -1.48 7.53
C TRP A 201 -1.18 -0.77 6.78
N GLU A 202 -2.41 -0.91 7.29
CA GLU A 202 -3.53 -0.04 7.00
C GLU A 202 -4.10 0.42 8.34
N ALA A 203 -3.95 1.72 8.64
CA ALA A 203 -4.17 2.20 9.99
C ALA A 203 -4.42 3.69 10.09
N ASN A 204 -5.09 4.04 11.18
CA ASN A 204 -5.26 5.45 11.61
C ASN A 204 -5.06 5.47 13.12
N SER A 205 -5.43 6.56 13.78
CA SER A 205 -5.15 6.69 15.20
C SER A 205 -6.10 5.85 16.03
N ARG A 206 -7.14 5.31 15.40
CA ARG A 206 -8.21 4.57 16.07
C ARG A 206 -8.13 3.03 15.90
N ALA A 207 -7.59 2.56 14.78
CA ALA A 207 -7.37 1.10 14.53
C ALA A 207 -6.19 0.78 13.61
N SER A 208 -5.71 -0.46 13.73
CA SER A 208 -4.49 -0.94 13.05
C SER A 208 -4.77 -2.37 12.50
N HIS A 209 -4.52 -2.55 11.19
CA HIS A 209 -4.99 -3.69 10.43
C HIS A 209 -3.83 -4.16 9.60
N VAL A 210 -3.70 -5.48 9.56
CA VAL A 210 -2.64 -6.16 8.82
C VAL A 210 -3.36 -7.23 8.01
N ALA A 211 -3.02 -7.41 6.73
CA ALA A 211 -3.73 -8.40 5.90
C ALA A 211 -2.99 -8.83 4.65
N PRO A 212 -2.60 -10.10 4.56
CA PRO A 212 -2.13 -10.62 3.29
C PRO A 212 -3.26 -10.85 2.34
N HIS A 213 -3.00 -10.66 1.04
CA HIS A 213 -3.95 -10.89 0.00
C HIS A 213 -3.30 -11.67 -1.12
N THR A 214 -3.83 -12.87 -1.36
CA THR A 214 -3.25 -13.79 -2.31
C THR A 214 -4.02 -13.67 -3.61
N CYS A 215 -3.31 -13.91 -4.70
CA CYS A 215 -3.88 -14.13 -6.03
C CYS A 215 -3.28 -15.43 -6.55
N ASN A 216 -4.05 -16.15 -7.35
CA ASN A 216 -3.55 -17.43 -7.89
C ASN A 216 -2.69 -17.26 -9.17
N LYS A 217 -2.25 -16.00 -9.44
CA LYS A 217 -1.32 -15.68 -10.54
C LYS A 217 -0.04 -15.07 -9.98
N LYS A 218 1.05 -15.18 -10.75
CA LYS A 218 2.30 -14.59 -10.39
C LYS A 218 2.34 -13.23 -11.09
N GLY A 219 2.74 -12.18 -10.37
CA GLY A 219 3.01 -10.91 -11.04
C GLY A 219 1.74 -10.20 -11.28
N LEU A 220 1.75 -9.25 -12.20
CA LEU A 220 0.59 -8.46 -12.47
C LEU A 220 -0.14 -9.22 -13.52
N TYR A 221 -1.41 -9.41 -13.27
CA TYR A 221 -2.22 -10.19 -14.14
C TYR A 221 -3.33 -9.31 -14.62
N LEU A 222 -3.53 -9.22 -15.94
CA LEU A 222 -4.70 -8.51 -16.43
C LEU A 222 -5.89 -9.47 -16.53
N CYS A 223 -6.87 -9.23 -15.65
CA CYS A 223 -8.09 -10.04 -15.52
C CYS A 223 -9.25 -9.51 -16.37
N GLU A 224 -10.11 -10.40 -16.85
CA GLU A 224 -11.34 -9.99 -17.51
C GLU A 224 -12.56 -10.70 -16.95
N GLY A 225 -13.69 -10.01 -17.02
CA GLY A 225 -14.96 -10.52 -16.54
C GLY A 225 -14.90 -10.94 -15.08
N GLU A 226 -15.37 -12.16 -14.82
CA GLU A 226 -15.56 -12.70 -13.48
C GLU A 226 -14.22 -12.86 -12.78
N GLU A 227 -13.12 -12.91 -13.53
CA GLU A 227 -11.78 -13.07 -12.93
C GLU A 227 -11.47 -11.93 -11.95
N CYS A 228 -12.11 -10.76 -12.17
CA CYS A 228 -11.87 -9.52 -11.40
C CYS A 228 -12.75 -9.40 -10.20
N ALA A 229 -13.66 -10.35 -10.06
CA ALA A 229 -14.72 -10.27 -9.08
C ALA A 229 -14.38 -11.13 -7.88
N PHE A 230 -15.31 -11.15 -6.96
CA PHE A 230 -15.06 -11.70 -5.67
C PHE A 230 -14.61 -13.16 -5.70
N GLU A 231 -15.15 -13.94 -6.65
CA GLU A 231 -14.84 -15.37 -6.72
C GLU A 231 -13.78 -15.57 -7.80
N GLY A 232 -13.11 -14.47 -8.16
CA GLY A 232 -12.11 -14.46 -9.21
C GLY A 232 -10.73 -14.87 -8.72
N VAL A 233 -9.72 -14.22 -9.26
CA VAL A 233 -8.33 -14.70 -9.11
C VAL A 233 -7.58 -14.09 -7.93
N CYS A 234 -8.12 -13.02 -7.35
CA CYS A 234 -7.55 -12.41 -6.15
C CYS A 234 -8.48 -12.37 -4.97
N ASP A 235 -7.84 -12.29 -3.81
CA ASP A 235 -8.50 -12.23 -2.53
C ASP A 235 -8.78 -10.77 -2.13
N LYS A 236 -9.99 -10.28 -2.44
CA LYS A 236 -10.33 -8.89 -2.13
C LYS A 236 -10.28 -8.66 -0.65
N ASN A 237 -10.81 -9.59 0.15
CA ASN A 237 -10.88 -9.39 1.63
C ASN A 237 -9.55 -9.53 2.36
N GLY A 238 -8.68 -10.41 1.93
CA GLY A 238 -7.43 -10.61 2.64
C GLY A 238 -7.69 -11.34 3.93
N CYS A 239 -6.65 -11.72 4.64
CA CYS A 239 -6.86 -12.30 5.94
C CYS A 239 -6.62 -11.26 6.99
N GLY A 240 -7.68 -10.67 7.50
CA GLY A 240 -7.59 -9.46 8.35
C GLY A 240 -7.19 -9.78 9.80
N TRP A 241 -6.19 -9.04 10.27
CA TRP A 241 -5.73 -9.08 11.62
C TRP A 241 -5.91 -7.68 12.29
N ASN A 242 -6.77 -7.58 13.29
CA ASN A 242 -7.08 -6.31 13.98
C ASN A 242 -7.58 -6.65 15.37
N ASN A 243 -6.84 -6.27 16.42
CA ASN A 243 -7.25 -6.47 17.82
C ASN A 243 -8.75 -6.35 18.08
N TYR A 244 -9.39 -5.30 17.56
CA TYR A 244 -10.81 -5.16 17.82
C TYR A 244 -11.59 -6.33 17.27
N ARG A 245 -11.13 -6.90 16.16
CA ARG A 245 -11.86 -8.02 15.52
C ARG A 245 -11.74 -9.34 16.29
N VAL A 246 -10.77 -9.42 17.20
CA VAL A 246 -10.55 -10.59 18.03
C VAL A 246 -10.81 -10.27 19.50
N ASN A 247 -11.63 -9.24 19.73
CA ASN A 247 -12.17 -8.96 21.03
C ASN A 247 -11.08 -8.61 22.05
N VAL A 248 -10.09 -7.84 21.59
CA VAL A 248 -9.10 -7.13 22.44
C VAL A 248 -9.25 -5.60 22.15
N THR A 249 -9.77 -4.82 23.09
CA THR A 249 -10.21 -3.45 22.78
C THR A 249 -9.32 -2.39 23.36
N ASP A 250 -8.35 -2.78 24.19
CA ASP A 250 -7.42 -1.84 24.85
C ASP A 250 -6.02 -1.88 24.36
N TYR A 251 -5.80 -2.37 23.15
CA TYR A 251 -4.45 -2.55 22.65
C TYR A 251 -3.89 -1.35 21.91
N TYR A 252 -4.75 -0.66 21.13
CA TYR A 252 -4.28 0.38 20.19
C TYR A 252 -5.32 1.49 20.13
N GLY A 253 -4.90 2.73 20.40
CA GLY A 253 -5.88 3.82 20.39
C GLY A 253 -5.33 5.09 20.93
N ARG A 254 -6.19 6.12 20.91
CA ARG A 254 -5.81 7.46 21.36
C ARG A 254 -5.93 7.54 22.87
N GLY A 255 -4.79 7.61 23.54
CA GLY A 255 -4.75 7.64 25.00
C GLY A 255 -3.83 6.63 25.72
N GLU A 256 -3.53 6.94 26.98
CA GLU A 256 -2.65 6.15 27.87
C GLU A 256 -3.31 4.84 28.31
N GLU A 257 -4.61 4.76 28.12
CA GLU A 257 -5.37 3.56 28.41
C GLU A 257 -5.15 2.41 27.37
N PHE A 258 -4.35 2.68 26.33
CA PHE A 258 -4.13 1.75 25.23
C PHE A 258 -2.66 1.31 25.30
N LYS A 259 -2.36 0.05 24.98
CA LYS A 259 -0.94 -0.41 25.03
C LYS A 259 -0.08 0.33 24.00
N VAL A 260 -0.63 0.50 22.80
CA VAL A 260 -0.06 1.41 21.80
C VAL A 260 -0.90 2.73 21.80
N ASN A 261 -0.25 3.84 22.14
CA ASN A 261 -0.92 5.12 22.34
C ASN A 261 -0.62 6.01 21.14
N THR A 262 -1.60 6.12 20.26
CA THR A 262 -1.51 6.81 18.97
C THR A 262 -1.53 8.33 19.03
N LEU A 263 -1.56 8.91 20.23
CA LEU A 263 -1.24 10.33 20.43
C LEU A 263 0.28 10.56 20.36
N LYS A 264 1.07 9.49 20.48
CA LYS A 264 2.54 9.59 20.35
C LYS A 264 3.12 8.71 19.20
N PRO A 265 4.27 9.08 18.66
CA PRO A 265 4.92 8.21 17.66
C PRO A 265 5.13 6.81 18.23
N PHE A 266 5.27 5.83 17.34
CA PHE A 266 5.66 4.48 17.73
C PHE A 266 6.31 3.74 16.57
N THR A 267 6.83 2.52 16.83
CA THR A 267 7.55 1.71 15.86
C THR A 267 6.73 0.47 15.59
N VAL A 268 6.61 0.10 14.32
CA VAL A 268 5.74 -1.00 13.89
C VAL A 268 6.67 -2.06 13.32
N VAL A 269 6.75 -3.23 13.94
CA VAL A 269 7.59 -4.37 13.43
C VAL A 269 6.70 -5.46 12.83
N THR A 270 7.02 -5.89 11.63
CA THR A 270 6.31 -6.98 11.02
C THR A 270 7.34 -8.05 10.64
N GLN A 271 7.21 -9.26 11.20
CA GLN A 271 8.12 -10.40 10.92
C GLN A 271 7.39 -11.42 10.08
N PHE A 272 8.08 -11.90 9.05
CA PHE A 272 7.56 -12.86 8.08
C PHE A 272 8.31 -14.17 8.34
N LEU A 273 7.72 -15.01 9.20
CA LEU A 273 8.43 -16.19 9.75
C LEU A 273 8.22 -17.38 8.85
N ALA A 274 9.30 -18.03 8.48
CA ALA A 274 9.21 -19.09 7.47
C ALA A 274 9.49 -20.44 8.15
N ASN A 275 8.93 -21.52 7.61
CA ASN A 275 9.16 -22.85 8.15
C ASN A 275 10.52 -23.41 7.73
N ARG A 276 10.79 -24.65 8.12
CA ARG A 276 12.06 -25.34 7.80
C ARG A 276 12.29 -25.58 6.29
N ARG A 277 11.23 -25.56 5.49
CA ARG A 277 11.39 -25.59 4.03
C ARG A 277 11.47 -24.20 3.39
N GLY A 278 11.51 -23.16 4.22
CA GLY A 278 11.64 -21.78 3.72
C GLY A 278 10.33 -21.16 3.26
N LYS A 279 9.21 -21.78 3.57
CA LYS A 279 7.90 -21.23 3.23
C LYS A 279 7.35 -20.39 4.39
N LEU A 280 6.72 -19.29 4.02
CA LEU A 280 6.02 -18.43 4.97
C LEU A 280 4.99 -19.22 5.77
N GLU A 281 5.08 -19.16 7.10
CA GLU A 281 4.23 -19.85 8.06
C GLU A 281 3.31 -18.89 8.82
N LYS A 282 3.90 -17.80 9.29
CA LYS A 282 3.25 -16.87 10.24
C LYS A 282 3.69 -15.41 9.96
N ILE A 283 2.80 -14.49 10.25
CA ILE A 283 3.09 -13.07 10.18
C ILE A 283 2.84 -12.53 11.57
N HIS A 284 3.89 -11.94 12.14
CA HIS A 284 3.94 -11.46 13.51
C HIS A 284 4.12 -9.91 13.57
N ARG A 285 3.17 -9.26 14.20
CA ARG A 285 3.15 -7.81 14.34
C ARG A 285 3.25 -7.48 15.81
N PHE A 286 4.34 -6.83 16.19
CA PHE A 286 4.36 -6.11 17.44
C PHE A 286 4.86 -4.66 17.27
N TYR A 287 4.78 -3.90 18.35
CA TYR A 287 5.08 -2.48 18.30
C TYR A 287 6.16 -2.20 19.30
N VAL A 288 6.73 -1.00 19.18
CA VAL A 288 7.66 -0.41 20.17
C VAL A 288 7.25 1.08 20.40
N GLN A 289 7.21 1.48 21.67
CA GLN A 289 6.84 2.88 22.03
C GLN A 289 7.52 3.26 23.33
N ASP A 290 8.06 4.48 23.38
CA ASP A 290 8.82 4.96 24.55
C ASP A 290 9.88 3.92 24.91
N GLY A 291 10.47 3.32 23.88
CA GLY A 291 11.53 2.32 24.08
C GLY A 291 11.09 1.04 24.77
N LYS A 292 9.81 0.72 24.77
CA LYS A 292 9.33 -0.51 25.34
C LYS A 292 8.74 -1.37 24.24
N VAL A 293 9.08 -2.64 24.23
CA VAL A 293 8.49 -3.52 23.25
C VAL A 293 7.10 -3.82 23.74
N ILE A 294 6.14 -3.53 22.88
CA ILE A 294 4.77 -3.89 23.12
C ILE A 294 4.43 -5.15 22.27
N GLU A 295 4.29 -6.28 22.94
CA GLU A 295 4.09 -7.57 22.34
C GLU A 295 2.69 -7.67 21.73
N SER A 296 2.57 -8.51 20.72
CA SER A 296 1.30 -8.69 20.08
C SER A 296 0.35 -9.17 21.10
N PHE A 297 -0.85 -8.67 21.06
CA PHE A 297 -1.94 -9.32 21.72
C PHE A 297 -2.12 -10.81 21.21
N TYR A 298 -2.87 -11.62 21.98
CA TYR A 298 -3.46 -12.89 21.47
C TYR A 298 -4.93 -12.74 21.17
N THR A 299 -5.46 -13.54 20.27
CA THR A 299 -6.87 -13.47 20.01
C THR A 299 -7.65 -13.82 21.29
N ASN A 300 -8.89 -13.36 21.41
CA ASN A 300 -9.68 -13.59 22.63
C ASN A 300 -11.13 -13.69 22.30
N LYS A 301 -11.49 -14.65 21.44
CA LYS A 301 -12.88 -14.62 20.99
C LYS A 301 -13.42 -16.00 20.74
N GLU A 302 -14.57 -16.31 21.31
CA GLU A 302 -15.12 -17.63 21.09
C GLU A 302 -15.20 -17.92 19.59
N GLY A 303 -14.69 -19.10 19.22
CA GLY A 303 -14.67 -19.55 17.84
C GLY A 303 -13.47 -19.07 17.00
N VAL A 304 -12.56 -18.34 17.62
CA VAL A 304 -11.42 -17.82 16.91
C VAL A 304 -10.20 -18.52 17.49
N PRO A 305 -9.42 -19.23 16.67
CA PRO A 305 -8.25 -19.96 17.15
C PRO A 305 -7.36 -19.10 17.98
N TYR A 306 -6.77 -19.65 19.02
CA TYR A 306 -5.95 -18.87 19.96
C TYR A 306 -4.61 -18.70 19.32
N THR A 307 -4.21 -17.47 19.04
CA THR A 307 -2.89 -17.17 18.44
C THR A 307 -2.56 -15.68 18.63
N ASN A 308 -1.24 -15.37 18.62
CA ASN A 308 -0.74 -14.02 18.51
C ASN A 308 -0.05 -13.68 17.16
N MET A 309 -0.38 -14.41 16.10
CA MET A 309 0.21 -14.19 14.77
C MET A 309 -0.75 -14.74 13.79
N ILE A 310 -0.77 -14.12 12.60
CA ILE A 310 -1.53 -14.60 11.47
C ILE A 310 -0.89 -15.88 10.94
N ASP A 311 -1.73 -16.88 10.69
CA ASP A 311 -1.32 -18.10 10.06
C ASP A 311 -2.55 -18.77 9.49
N ASP A 312 -2.30 -19.87 8.78
CA ASP A 312 -3.35 -20.55 8.09
C ASP A 312 -4.57 -20.93 8.95
N GLU A 313 -4.27 -21.43 10.17
CA GLU A 313 -5.30 -21.88 11.14
C GLU A 313 -6.28 -20.75 11.49
N PHE A 314 -5.72 -19.59 11.77
CA PHE A 314 -6.54 -18.42 12.08
C PHE A 314 -7.34 -17.93 10.88
N CYS A 315 -6.64 -17.78 9.78
CA CYS A 315 -7.23 -17.27 8.58
C CYS A 315 -8.43 -18.09 8.16
N GLU A 316 -8.28 -19.42 8.13
CA GLU A 316 -9.35 -20.38 7.77
C GLU A 316 -10.63 -20.28 8.61
N ALA A 317 -10.43 -20.22 9.91
CA ALA A 317 -11.48 -20.18 10.92
C ALA A 317 -12.19 -18.84 10.96
N THR A 318 -11.50 -17.74 10.61
CA THR A 318 -12.17 -16.44 10.55
C THR A 318 -12.76 -16.22 9.17
N GLY A 319 -12.80 -17.27 8.35
CA GLY A 319 -13.62 -17.26 7.12
C GLY A 319 -12.98 -16.52 5.95
N SER A 320 -11.65 -16.45 5.99
CA SER A 320 -10.81 -15.94 4.88
C SER A 320 -10.74 -16.97 3.76
N ARG A 321 -11.87 -17.21 3.09
CA ARG A 321 -12.05 -18.33 2.18
C ARG A 321 -11.19 -18.21 0.90
N LYS A 322 -11.30 -17.08 0.20
CA LYS A 322 -10.51 -16.88 -1.03
C LYS A 322 -9.04 -16.77 -0.75
N TYR A 323 -8.65 -16.30 0.43
CA TYR A 323 -7.24 -16.25 0.82
C TYR A 323 -6.63 -17.64 0.85
N MET A 324 -7.38 -18.58 1.44
CA MET A 324 -6.96 -19.97 1.54
C MET A 324 -7.02 -20.64 0.16
N GLU A 325 -8.09 -20.37 -0.58
CA GLU A 325 -8.33 -21.01 -1.88
C GLU A 325 -7.26 -20.56 -2.87
N LEU A 326 -6.81 -19.31 -2.78
CA LEU A 326 -5.91 -18.74 -3.78
C LEU A 326 -4.43 -18.91 -3.46
N GLY A 327 -4.11 -19.63 -2.38
CA GLY A 327 -2.74 -20.05 -2.08
C GLY A 327 -2.35 -19.93 -0.60
N ALA A 328 -3.24 -19.45 0.24
CA ALA A 328 -3.00 -19.38 1.68
C ALA A 328 -1.65 -18.70 2.02
N THR A 329 -1.18 -18.85 3.25
CA THR A 329 0.02 -18.20 3.71
C THR A 329 1.25 -18.56 2.92
N GLN A 330 1.37 -19.83 2.55
CA GLN A 330 2.47 -20.22 1.71
C GLN A 330 2.49 -19.45 0.38
N GLY A 331 1.31 -19.32 -0.23
CA GLY A 331 1.15 -18.57 -1.47
C GLY A 331 1.53 -17.07 -1.34
N MET A 332 1.07 -16.41 -0.29
CA MET A 332 1.55 -15.07 0.03
C MET A 332 3.08 -15.10 0.07
N GLY A 333 3.66 -16.07 0.71
CA GLY A 333 5.08 -16.11 0.89
C GLY A 333 5.86 -16.33 -0.39
N GLU A 334 5.25 -16.99 -1.38
CA GLU A 334 5.97 -17.17 -2.63
C GLU A 334 6.14 -15.82 -3.35
N ALA A 335 5.07 -15.05 -3.36
CA ALA A 335 5.08 -13.67 -3.83
C ALA A 335 6.16 -12.87 -3.19
N LEU A 336 6.21 -12.87 -1.86
CA LEU A 336 7.22 -12.12 -1.12
C LEU A 336 8.64 -12.53 -1.44
N THR A 337 8.83 -13.82 -1.64
CA THR A 337 10.14 -14.35 -2.05
C THR A 337 10.53 -13.96 -3.47
N ARG A 338 9.58 -13.96 -4.41
CA ARG A 338 9.89 -13.46 -5.75
C ARG A 338 10.32 -11.97 -5.76
N GLY A 339 9.76 -11.16 -4.86
CA GLY A 339 10.12 -9.74 -4.75
C GLY A 339 8.89 -8.88 -4.90
N MET A 340 8.78 -7.86 -4.04
CA MET A 340 7.60 -6.99 -4.06
C MET A 340 8.02 -5.55 -4.05
N VAL A 341 7.10 -4.71 -4.51
CA VAL A 341 7.25 -3.25 -4.45
C VAL A 341 6.56 -2.63 -3.24
N LEU A 342 7.20 -1.64 -2.60
CA LEU A 342 6.65 -0.94 -1.46
C LEU A 342 5.87 0.28 -1.92
N ALA A 343 4.64 0.36 -1.46
CA ALA A 343 3.76 1.44 -1.68
C ALA A 343 3.38 2.03 -0.34
N MET A 344 3.15 3.34 -0.36
CA MET A 344 2.74 4.07 0.81
C MET A 344 1.75 5.13 0.30
N SER A 345 0.66 5.28 1.04
CA SER A 345 -0.44 6.04 0.57
C SER A 345 -1.29 6.55 1.76
N ILE A 346 -2.11 7.55 1.47
CA ILE A 346 -3.06 8.12 2.44
C ILE A 346 -4.34 8.36 1.64
N TRP A 347 -5.44 7.79 2.11
CA TRP A 347 -6.67 7.90 1.41
C TRP A 347 -7.90 7.83 2.32
N TRP A 348 -9.01 8.14 1.77
CA TRP A 348 -10.27 7.97 2.45
C TRP A 348 -11.25 7.28 1.48
N ASP A 349 -12.50 7.11 1.91
CA ASP A 349 -13.44 6.21 1.19
C ASP A 349 -14.82 6.77 1.17
N GLN A 350 -15.20 7.38 0.05
CA GLN A 350 -16.52 8.04 -0.03
C GLN A 350 -17.67 7.05 0.03
N GLY A 351 -17.54 5.91 -0.64
CA GLY A 351 -18.58 4.88 -0.61
C GLY A 351 -18.88 4.18 0.73
N GLY A 352 -17.83 3.69 1.40
CA GLY A 352 -17.97 2.82 2.57
C GLY A 352 -17.45 3.35 3.91
N ASN A 353 -16.89 4.57 3.89
CA ASN A 353 -16.37 5.23 5.10
C ASN A 353 -15.27 4.53 5.83
N MET A 354 -14.53 3.64 5.16
CA MET A 354 -13.49 2.80 5.79
C MET A 354 -13.97 1.97 7.00
N GLU A 355 -15.25 1.64 6.99
CA GLU A 355 -15.89 0.96 8.11
C GLU A 355 -15.26 -0.36 8.46
N TRP A 356 -14.74 -1.06 7.47
CA TRP A 356 -14.03 -2.33 7.68
C TRP A 356 -12.76 -2.12 8.52
N LEU A 357 -12.24 -0.89 8.59
CA LEU A 357 -10.99 -0.68 9.29
C LEU A 357 -11.16 -0.32 10.76
N ASP A 358 -12.22 0.40 11.08
CA ASP A 358 -12.35 1.01 12.42
C ASP A 358 -13.77 1.13 12.95
N HIS A 359 -14.75 0.53 12.32
CA HIS A 359 -16.14 0.67 12.76
C HIS A 359 -16.65 -0.69 13.18
N GLY A 360 -17.54 -0.68 14.17
CA GLY A 360 -18.38 -1.81 14.51
C GLY A 360 -17.49 -2.90 15.08
N GLU A 361 -17.43 -4.00 14.37
CA GLU A 361 -16.54 -5.13 14.73
C GLU A 361 -15.01 -4.79 14.74
N ALA A 362 -14.63 -3.71 14.08
CA ALA A 362 -13.22 -3.40 13.87
C ALA A 362 -12.71 -2.20 14.63
N GLY A 363 -13.57 -1.47 15.33
CA GLY A 363 -13.06 -0.31 16.08
C GLY A 363 -14.13 0.46 16.81
N PRO A 364 -13.75 1.61 17.39
CA PRO A 364 -14.64 2.40 18.20
C PRO A 364 -15.39 3.53 17.46
N CYS A 365 -15.40 3.48 16.14
CA CYS A 365 -15.94 4.58 15.39
C CYS A 365 -17.42 4.43 15.06
N ALA A 366 -18.13 5.55 15.13
CA ALA A 366 -19.56 5.54 14.93
C ALA A 366 -19.90 5.52 13.45
N LYS A 367 -21.08 4.99 13.16
CA LYS A 367 -21.71 5.12 11.87
C LYS A 367 -21.71 6.62 11.43
N GLY A 368 -21.18 6.92 10.24
CA GLY A 368 -21.09 8.31 9.77
C GLY A 368 -19.79 8.98 10.12
N GLU A 369 -19.10 8.46 11.13
CA GLU A 369 -17.92 9.16 11.64
C GLU A 369 -16.75 9.25 10.63
N GLY A 370 -16.59 8.19 9.80
CA GLY A 370 -15.50 8.14 8.84
C GLY A 370 -15.88 8.62 7.46
N ALA A 371 -17.04 9.22 7.28
CA ALA A 371 -17.35 9.77 5.97
C ALA A 371 -16.39 10.93 5.76
N PRO A 372 -15.89 11.11 4.53
CA PRO A 372 -15.10 12.31 4.15
C PRO A 372 -15.67 13.67 4.58
N SER A 373 -16.97 13.85 4.49
CA SER A 373 -17.61 15.06 4.99
C SER A 373 -17.44 15.25 6.50
N ASN A 374 -17.32 14.16 7.27
CA ASN A 374 -17.05 14.29 8.70
C ASN A 374 -15.54 14.39 9.03
N ILE A 375 -14.72 13.60 8.34
CA ILE A 375 -13.27 13.68 8.55
C ILE A 375 -12.76 15.14 8.57
N VAL A 376 -13.11 15.92 7.56
CA VAL A 376 -12.61 17.29 7.48
C VAL A 376 -13.13 18.19 8.61
N GLN A 377 -14.16 17.73 9.32
CA GLN A 377 -14.70 18.46 10.49
C GLN A 377 -14.04 17.99 11.81
N VAL A 378 -13.11 17.03 11.72
CA VAL A 378 -12.42 16.45 12.85
C VAL A 378 -10.96 16.81 12.72
N GLU A 379 -10.37 16.51 11.57
CA GLU A 379 -8.98 16.83 11.30
C GLU A 379 -8.93 17.44 9.91
N PRO A 380 -8.90 18.77 9.80
CA PRO A 380 -8.90 19.42 8.52
C PRO A 380 -7.79 19.00 7.55
N PHE A 381 -6.62 18.66 8.10
CA PHE A 381 -5.49 18.32 7.28
C PHE A 381 -4.93 16.96 7.72
N PRO A 382 -5.55 15.86 7.34
CA PRO A 382 -4.98 14.55 7.66
C PRO A 382 -3.63 14.37 7.01
N GLU A 383 -2.70 13.84 7.77
CA GLU A 383 -1.40 13.47 7.20
C GLU A 383 -0.77 12.36 7.98
N VAL A 384 0.21 11.68 7.37
CA VAL A 384 1.02 10.70 8.09
C VAL A 384 2.49 10.93 7.79
N THR A 385 3.36 10.63 8.73
CA THR A 385 4.78 10.63 8.46
C THR A 385 5.34 9.19 8.79
N TYR A 386 5.95 8.53 7.82
CA TYR A 386 6.72 7.30 8.06
C TYR A 386 8.20 7.70 8.07
N THR A 387 8.97 7.10 8.96
CA THR A 387 10.35 7.43 9.21
C THR A 387 11.19 6.17 9.46
N ASN A 388 12.46 6.20 9.09
CA ASN A 388 13.38 5.10 9.29
C ASN A 388 12.84 3.79 8.81
N LEU A 389 12.48 3.70 7.52
CA LEU A 389 12.01 2.40 6.95
C LEU A 389 13.23 1.51 6.93
N ARG A 390 13.07 0.28 7.42
CA ARG A 390 14.23 -0.59 7.57
C ARG A 390 13.77 -2.01 7.62
N TRP A 391 14.56 -2.87 6.98
CA TRP A 391 14.24 -4.28 6.84
C TRP A 391 15.51 -5.11 6.85
N GLY A 392 15.33 -6.37 7.22
CA GLY A 392 16.48 -7.27 7.24
C GLY A 392 16.25 -8.40 8.23
N GLU A 393 17.34 -8.86 8.85
CA GLU A 393 17.35 -10.04 9.72
C GLU A 393 16.40 -9.93 10.86
N ILE A 394 15.66 -11.03 11.09
CA ILE A 394 14.75 -11.13 12.21
C ILE A 394 15.47 -10.69 13.49
N GLY A 395 14.79 -9.85 14.28
CA GLY A 395 15.39 -9.33 15.50
C GLY A 395 16.43 -8.22 15.33
N SER A 396 16.67 -7.75 14.12
CA SER A 396 17.74 -6.75 13.96
C SER A 396 17.26 -5.32 13.74
N THR A 397 15.96 -5.08 13.57
CA THR A 397 15.49 -3.72 13.22
C THR A 397 15.09 -2.80 14.39
N TYR A 398 15.05 -3.30 15.63
CA TYR A 398 14.55 -2.51 16.76
C TYR A 398 15.38 -2.58 18.07
C1 NAG B . -14.43 -10.79 24.86
C2 NAG B . -15.18 -12.09 25.08
C3 NAG B . -15.82 -12.06 26.46
C4 NAG B . -14.77 -11.85 27.55
C5 NAG B . -13.98 -10.61 27.18
C6 NAG B . -12.85 -10.36 28.16
C7 NAG B . -16.19 -13.28 23.21
C8 NAG B . -17.44 -13.39 22.39
N2 NAG B . -16.15 -12.22 24.03
O3 NAG B . -16.61 -13.20 26.73
O4 NAG B . -15.37 -11.54 28.76
O5 NAG B . -13.44 -10.68 25.88
O6 NAG B . -12.52 -9.00 28.01
O7 NAG B . -15.29 -14.12 23.11
C1 GOL C . -3.73 2.86 -2.43
O1 GOL C . -3.46 2.52 -1.12
C2 GOL C . -4.77 3.98 -2.51
O2 GOL C . -4.19 5.08 -3.16
C3 GOL C . -6.04 3.51 -3.25
O3 GOL C . -6.86 4.62 -3.62
#